data_9USB
#
_entry.id   9USB
#
_cell.length_a   47.184
_cell.length_b   102.574
_cell.length_c   56.362
_cell.angle_alpha   90.00
_cell.angle_beta   107.19
_cell.angle_gamma   90.00
#
_symmetry.space_group_name_H-M   'P 1 21 1'
#
loop_
_entity.id
_entity.type
_entity.pdbx_description
1 polymer 'Isoform 2B of GTPase KRas'
2 non-polymer 'MAGNESIUM ION'
3 non-polymer (3~{R})-1-[2-[[(8~{S})-6-[bis(fluoranyl)methylidene]-2,3,5,7-tetrahydro-1~{H}-pyrrolizin-8-yl]methoxy]-7-(8-ethynyl-7-fluoranyl-3-oxidanyl-naphthalen-1-yl)-8-fluoranyl-pyrido[4,3-d]pyrimidin-4-yl]-3-methyl-piperidin-3-ol
4 non-polymer 'PHOSPHOAMINOPHOSPHONIC ACID-GUANYLATE ESTER'
5 water water
#
_entity_poly.entity_id   1
_entity_poly.type   'polypeptide(L)'
_entity_poly.pdbx_seq_one_letter_code
;GAGAGAMTEYKLVVVGADGVGKSALTIQLIQNHFVDEYDPTIEDSYRKQVVIDGETCLLDILDTAGQEEYSAMRDQYMRT
GEGFLCVFAINNTKSFEDIHHYREQIKRVKDSEDVPMVLVGNKCDLPSRTVDTKQAQDLARSYGIPFIETSAKTRQGVDD
AFYTLVREIRKHKEK
;
_entity_poly.pdbx_strand_id   A,B,C
#
loop_
_chem_comp.id
_chem_comp.type
_chem_comp.name
_chem_comp.formula
A1EN3 non-polymer (3~{R})-1-[2-[[(8~{S})-6-[bis(fluoranyl)methylidene]-2,3,5,7-tetrahydro-1~{H}-pyrrolizin-8-yl]methoxy]-7-(8-ethynyl-7-fluoranyl-3-oxidanyl-naphthalen-1-yl)-8-fluoranyl-pyrido[4,3-d]pyrimidin-4-yl]-3-methyl-piperidin-3-ol 'C34 H31 F4 N5 O3'
GNP non-polymer 'PHOSPHOAMINOPHOSPHONIC ACID-GUANYLATE ESTER' 'C10 H17 N6 O13 P3'
MG non-polymer 'MAGNESIUM ION' 'Mg 2'
#
# COMPACT_ATOMS: atom_id res chain seq x y z
N MET A 7 12.75 5.94 -14.89
CA MET A 7 12.81 4.72 -14.03
C MET A 7 14.18 4.63 -13.31
N THR A 8 14.19 4.62 -11.98
CA THR A 8 15.39 4.33 -11.15
C THR A 8 15.54 2.80 -10.98
N GLU A 9 16.71 2.26 -11.31
CA GLU A 9 17.10 0.85 -11.01
C GLU A 9 17.65 0.75 -9.57
N TYR A 10 17.26 -0.32 -8.88
CA TYR A 10 17.60 -0.62 -7.47
C TYR A 10 18.01 -2.07 -7.36
N LYS A 11 19.29 -2.34 -7.09
CA LYS A 11 19.86 -3.71 -7.04
C LYS A 11 19.77 -4.20 -5.59
N LEU A 12 18.88 -5.16 -5.35
CA LEU A 12 18.56 -5.72 -4.03
C LEU A 12 19.05 -7.15 -3.96
N VAL A 13 19.62 -7.57 -2.83
CA VAL A 13 20.08 -8.97 -2.61
C VAL A 13 19.37 -9.53 -1.39
N VAL A 14 18.71 -10.67 -1.53
CA VAL A 14 18.00 -11.32 -0.40
C VAL A 14 18.95 -12.40 0.12
N VAL A 15 19.36 -12.28 1.39
CA VAL A 15 20.34 -13.22 2.04
C VAL A 15 19.73 -13.83 3.31
N GLY A 16 20.26 -14.99 3.70
CA GLY A 16 19.83 -15.73 4.88
C GLY A 16 19.94 -17.23 4.70
N ALA A 17 19.78 -17.94 5.81
CA ALA A 17 19.90 -19.41 5.86
C ALA A 17 18.97 -20.01 4.80
N ASP A 18 19.19 -21.29 4.47
CA ASP A 18 18.24 -22.11 3.69
C ASP A 18 16.95 -22.22 4.52
N GLY A 19 15.79 -22.16 3.88
CA GLY A 19 14.53 -22.56 4.52
C GLY A 19 13.81 -21.38 5.11
N VAL A 20 14.41 -20.17 5.09
CA VAL A 20 13.79 -18.99 5.75
C VAL A 20 12.72 -18.35 4.86
N GLY A 21 12.70 -18.70 3.57
CA GLY A 21 11.71 -18.20 2.60
C GLY A 21 12.24 -17.03 1.79
N LYS A 22 13.51 -17.04 1.38
CA LYS A 22 14.06 -15.97 0.51
C LYS A 22 13.42 -16.04 -0.87
N SER A 23 13.20 -17.26 -1.35
CA SER A 23 12.56 -17.55 -2.66
C SER A 23 11.07 -17.28 -2.56
N ALA A 24 10.40 -17.75 -1.52
CA ALA A 24 8.95 -17.51 -1.37
C ALA A 24 8.68 -16.01 -1.36
N LEU A 25 9.48 -15.23 -0.63
CA LEU A 25 9.35 -13.75 -0.48
C LEU A 25 9.57 -13.06 -1.83
N THR A 26 10.65 -13.39 -2.51
CA THR A 26 10.95 -12.82 -3.84
C THR A 26 9.77 -13.13 -4.78
N ILE A 27 9.38 -14.41 -4.86
CA ILE A 27 8.33 -14.94 -5.78
C ILE A 27 6.99 -14.29 -5.42
N GLN A 28 6.74 -13.89 -4.18
CA GLN A 28 5.47 -13.19 -3.85
C GLN A 28 5.50 -11.76 -4.41
N LEU A 29 6.60 -11.06 -4.21
CA LEU A 29 6.69 -9.65 -4.65
C LEU A 29 6.53 -9.63 -6.16
N ILE A 30 7.19 -10.57 -6.85
CA ILE A 30 7.43 -10.52 -8.32
C ILE A 30 6.37 -11.30 -9.09
N GLN A 31 5.71 -12.30 -8.50
CA GLN A 31 4.71 -13.11 -9.23
C GLN A 31 3.43 -13.26 -8.41
N ASN A 32 3.38 -12.71 -7.20
CA ASN A 32 2.08 -12.57 -6.47
C ASN A 32 1.43 -13.92 -6.15
N HIS A 33 2.18 -15.01 -6.11
CA HIS A 33 1.70 -16.30 -5.55
C HIS A 33 2.73 -16.84 -4.55
N PHE A 34 2.25 -17.69 -3.64
CA PHE A 34 3.04 -18.41 -2.61
C PHE A 34 3.46 -19.76 -3.21
N VAL A 35 4.77 -20.02 -3.28
CA VAL A 35 5.25 -21.35 -3.79
C VAL A 35 5.63 -22.21 -2.58
N ASP A 36 4.98 -23.37 -2.40
CA ASP A 36 5.24 -24.28 -1.26
C ASP A 36 6.67 -24.84 -1.31
N GLU A 37 7.10 -25.29 -2.49
CA GLU A 37 8.47 -25.83 -2.69
C GLU A 37 9.06 -25.08 -3.88
N TYR A 38 10.22 -24.49 -3.69
CA TYR A 38 11.03 -23.89 -4.78
C TYR A 38 12.44 -24.45 -4.61
N ASP A 39 12.97 -25.00 -5.69
CA ASP A 39 14.26 -25.74 -5.56
C ASP A 39 15.18 -24.89 -4.71
N PRO A 40 15.58 -25.43 -3.53
CA PRO A 40 16.52 -24.74 -2.65
C PRO A 40 17.91 -24.39 -3.26
N THR A 41 18.27 -24.97 -4.40
CA THR A 41 19.63 -24.85 -4.98
C THR A 41 19.71 -23.64 -5.91
N ILE A 42 18.56 -23.16 -6.36
CA ILE A 42 18.44 -22.23 -7.52
C ILE A 42 18.49 -20.77 -7.07
N GLU A 43 19.63 -20.16 -7.43
CA GLU A 43 19.96 -18.73 -7.28
C GLU A 43 19.70 -18.01 -8.61
N ASP A 44 18.99 -16.89 -8.57
CA ASP A 44 18.54 -16.16 -9.78
C ASP A 44 18.23 -14.71 -9.45
N SER A 45 18.27 -13.88 -10.48
CA SER A 45 17.86 -12.45 -10.48
C SER A 45 16.47 -12.35 -11.09
N TYR A 46 15.62 -11.56 -10.45
CA TYR A 46 14.25 -11.26 -10.91
C TYR A 46 14.09 -9.73 -10.95
N ARG A 47 13.44 -9.25 -12.00
CA ARG A 47 13.29 -7.81 -12.26
C ARG A 47 11.79 -7.51 -12.19
N LYS A 48 11.45 -6.38 -11.58
CA LYS A 48 10.05 -5.94 -11.44
C LYS A 48 10.02 -4.41 -11.45
N GLN A 49 9.20 -3.89 -12.33
CA GLN A 49 8.80 -2.47 -12.40
C GLN A 49 7.70 -2.27 -11.35
N VAL A 50 7.87 -1.30 -10.46
CA VAL A 50 6.88 -1.02 -9.38
C VAL A 50 6.97 0.46 -9.04
N VAL A 51 5.94 1.04 -8.42
CA VAL A 51 5.96 2.46 -7.98
C VAL A 51 6.08 2.42 -6.48
N ILE A 52 7.05 3.14 -5.96
CA ILE A 52 7.31 3.22 -4.50
C ILE A 52 7.33 4.71 -4.21
N ASP A 53 6.41 5.20 -3.38
CA ASP A 53 6.42 6.64 -2.97
C ASP A 53 6.47 7.50 -4.23
N GLY A 54 5.76 7.08 -5.26
CA GLY A 54 5.51 7.90 -6.45
C GLY A 54 6.62 7.76 -7.45
N GLU A 55 7.67 7.00 -7.09
CA GLU A 55 8.81 6.80 -8.01
C GLU A 55 8.70 5.44 -8.67
N THR A 56 8.69 5.45 -10.00
CA THR A 56 8.78 4.24 -10.85
C THR A 56 10.19 3.67 -10.71
N CYS A 57 10.24 2.43 -10.25
CA CYS A 57 11.47 1.69 -9.92
C CYS A 57 11.48 0.38 -10.69
N LEU A 58 12.66 0.04 -11.17
CA LEU A 58 13.00 -1.31 -11.64
C LEU A 58 13.77 -1.93 -10.49
N LEU A 59 13.19 -2.95 -9.88
CA LEU A 59 13.81 -3.73 -8.79
C LEU A 59 14.47 -4.95 -9.42
N ASP A 60 15.78 -5.07 -9.25
CA ASP A 60 16.63 -6.21 -9.66
C ASP A 60 16.98 -6.97 -8.38
N ILE A 61 16.30 -8.09 -8.14
CA ILE A 61 16.34 -8.89 -6.89
C ILE A 61 17.10 -10.20 -7.11
N LEU A 62 18.27 -10.29 -6.48
CA LEU A 62 19.06 -11.54 -6.39
C LEU A 62 18.53 -12.34 -5.19
N ASP A 63 17.85 -13.43 -5.48
CA ASP A 63 17.40 -14.42 -4.49
C ASP A 63 18.53 -15.43 -4.30
N THR A 64 19.33 -15.32 -3.21
CA THR A 64 20.55 -16.14 -3.00
C THR A 64 20.21 -17.59 -2.65
N ALA A 65 21.08 -18.50 -3.10
CA ALA A 65 21.01 -19.95 -2.81
C ALA A 65 22.39 -20.57 -3.04
N GLY A 66 22.50 -21.88 -2.80
CA GLY A 66 23.72 -22.64 -3.06
C GLY A 66 24.51 -22.88 -1.79
N GLN A 67 25.80 -23.19 -1.96
CA GLN A 67 26.66 -23.64 -0.83
C GLN A 67 27.37 -22.40 -0.29
N GLU A 68 27.84 -22.47 0.95
CA GLU A 68 28.71 -21.42 1.53
C GLU A 68 30.07 -21.50 0.82
N GLU A 69 30.36 -20.54 -0.04
CA GLU A 69 31.41 -20.72 -1.08
C GLU A 69 31.91 -19.34 -1.49
N TYR A 70 32.94 -18.86 -0.79
CA TYR A 70 33.57 -17.52 -0.99
C TYR A 70 34.60 -17.60 -2.11
N SER A 71 34.50 -16.65 -3.04
CA SER A 71 35.44 -16.46 -4.15
C SER A 71 35.44 -14.96 -4.53
N ALA A 72 36.37 -14.52 -5.38
CA ALA A 72 36.47 -13.11 -5.81
C ALA A 72 35.25 -12.74 -6.66
N MET A 73 34.73 -13.71 -7.43
CA MET A 73 33.61 -13.52 -8.40
C MET A 73 32.27 -13.53 -7.65
N ARG A 74 32.11 -14.31 -6.57
CA ARG A 74 30.93 -14.22 -5.66
C ARG A 74 31.02 -12.92 -4.85
N ASP A 75 32.23 -12.48 -4.52
CA ASP A 75 32.48 -11.16 -3.86
C ASP A 75 31.96 -10.04 -4.78
N GLN A 76 32.37 -10.05 -6.05
CA GLN A 76 31.98 -9.04 -7.07
C GLN A 76 30.45 -9.01 -7.16
N TYR A 77 29.84 -10.20 -7.35
CA TYR A 77 28.40 -10.37 -7.59
C TYR A 77 27.64 -9.74 -6.42
N MET A 78 28.10 -9.99 -5.19
CA MET A 78 27.39 -9.52 -3.97
C MET A 78 27.57 -8.00 -3.82
N ARG A 79 28.73 -7.45 -4.17
CA ARG A 79 28.99 -5.99 -3.93
C ARG A 79 28.21 -5.14 -4.93
N THR A 80 27.64 -5.69 -6.01
CA THR A 80 26.76 -4.92 -6.94
C THR A 80 25.37 -4.72 -6.33
N GLY A 81 25.01 -5.48 -5.31
CA GLY A 81 23.83 -5.16 -4.49
C GLY A 81 23.97 -3.79 -3.84
N GLU A 82 22.94 -2.95 -3.98
CA GLU A 82 22.92 -1.61 -3.32
C GLU A 82 22.26 -1.70 -1.95
N GLY A 83 21.36 -2.67 -1.76
CA GLY A 83 20.61 -2.92 -0.52
C GLY A 83 20.47 -4.42 -0.26
N PHE A 84 20.46 -4.85 1.00
CA PHE A 84 20.36 -6.28 1.37
C PHE A 84 19.16 -6.51 2.31
N LEU A 85 18.41 -7.56 1.95
CA LEU A 85 17.29 -8.04 2.80
C LEU A 85 17.85 -9.25 3.55
N CYS A 86 18.16 -9.06 4.83
CA CYS A 86 18.74 -10.09 5.72
C CYS A 86 17.59 -10.76 6.42
N VAL A 87 17.26 -11.96 5.95
CA VAL A 87 16.02 -12.70 6.27
C VAL A 87 16.34 -13.86 7.22
N PHE A 88 15.55 -14.00 8.27
CA PHE A 88 15.56 -15.18 9.16
C PHE A 88 14.09 -15.61 9.29
N ALA A 89 13.86 -16.78 9.84
CA ALA A 89 12.48 -17.28 10.09
C ALA A 89 12.26 -17.24 11.58
N ILE A 90 11.08 -16.83 12.00
CA ILE A 90 10.76 -16.58 13.44
C ILE A 90 10.69 -17.91 14.18
N ASN A 91 10.68 -19.02 13.44
CA ASN A 91 10.64 -20.39 14.01
C ASN A 91 11.98 -21.09 13.72
N ASN A 92 13.05 -20.32 13.55
CA ASN A 92 14.39 -20.83 13.21
C ASN A 92 15.46 -19.97 13.90
N THR A 93 15.63 -20.21 15.18
CA THR A 93 16.67 -19.58 16.02
C THR A 93 18.01 -19.52 15.29
N LYS A 94 18.46 -20.61 14.69
CA LYS A 94 19.80 -20.64 14.05
C LYS A 94 19.85 -19.61 12.91
N SER A 95 18.76 -19.48 12.15
CA SER A 95 18.73 -18.54 11.02
C SER A 95 18.92 -17.11 11.54
N PHE A 96 18.31 -16.78 12.68
CA PHE A 96 18.44 -15.47 13.38
C PHE A 96 19.89 -15.22 13.82
N GLU A 97 20.55 -16.21 14.44
CA GLU A 97 21.95 -16.11 14.97
C GLU A 97 22.95 -15.92 13.79
N ASP A 98 22.58 -16.38 12.61
CA ASP A 98 23.39 -16.30 11.37
C ASP A 98 23.39 -14.87 10.80
N ILE A 99 22.45 -14.02 11.19
CA ILE A 99 22.27 -12.67 10.60
C ILE A 99 23.60 -11.91 10.69
N HIS A 100 24.21 -11.89 11.86
CA HIS A 100 25.48 -11.13 12.06
C HIS A 100 26.46 -11.54 10.95
N HIS A 101 26.66 -12.82 10.75
CA HIS A 101 27.58 -13.34 9.70
C HIS A 101 27.29 -12.67 8.35
N TYR A 102 26.04 -12.73 7.93
CA TYR A 102 25.62 -12.21 6.60
C TYR A 102 25.92 -10.71 6.58
N ARG A 103 25.57 -9.99 7.64
CA ARG A 103 25.87 -8.54 7.75
C ARG A 103 27.37 -8.31 7.58
N GLU A 104 28.23 -9.11 8.21
CA GLU A 104 29.70 -8.97 8.18
C GLU A 104 30.20 -9.21 6.77
N GLN A 105 29.65 -10.18 6.06
CA GLN A 105 30.08 -10.42 4.66
C GLN A 105 29.60 -9.25 3.79
N ILE A 106 28.41 -8.72 4.05
CA ILE A 106 27.93 -7.57 3.25
C ILE A 106 28.92 -6.42 3.49
N LYS A 107 29.14 -6.05 4.74
CA LYS A 107 30.02 -4.93 5.11
C LYS A 107 31.42 -5.13 4.50
N ARG A 108 31.91 -6.35 4.39
CA ARG A 108 33.30 -6.59 3.95
C ARG A 108 33.39 -6.34 2.44
N VAL A 109 32.52 -6.95 1.64
CA VAL A 109 32.59 -6.86 0.16
C VAL A 109 32.16 -5.45 -0.28
N LYS A 110 31.35 -4.75 0.53
CA LYS A 110 30.96 -3.34 0.28
C LYS A 110 32.09 -2.44 0.78
N ASP A 111 32.96 -2.99 1.62
CA ASP A 111 34.05 -2.23 2.27
C ASP A 111 33.43 -0.97 2.87
N SER A 112 32.42 -1.12 3.71
CA SER A 112 31.70 0.02 4.34
C SER A 112 30.82 -0.47 5.50
N GLU A 113 30.58 0.39 6.48
CA GLU A 113 29.75 0.13 7.70
C GLU A 113 28.33 0.70 7.52
N ASP A 114 28.13 1.57 6.52
CA ASP A 114 26.78 2.09 6.17
C ASP A 114 26.35 1.42 4.87
N VAL A 115 25.71 0.25 4.98
CA VAL A 115 25.14 -0.42 3.78
C VAL A 115 23.63 -0.55 3.95
N PRO A 116 22.84 -0.05 2.98
CA PRO A 116 21.40 -0.18 3.06
C PRO A 116 20.99 -1.64 3.35
N MET A 117 20.13 -1.82 4.36
CA MET A 117 19.80 -3.15 4.86
C MET A 117 18.44 -3.12 5.56
N VAL A 118 17.66 -4.18 5.42
CA VAL A 118 16.46 -4.41 6.27
C VAL A 118 16.54 -5.83 6.84
N LEU A 119 16.26 -5.93 8.11
CA LEU A 119 16.16 -7.22 8.82
C LEU A 119 14.72 -7.66 8.67
N VAL A 120 14.53 -8.90 8.23
CA VAL A 120 13.19 -9.46 7.96
C VAL A 120 13.03 -10.75 8.77
N GLY A 121 12.04 -10.77 9.67
CA GLY A 121 11.51 -11.97 10.33
C GLY A 121 10.37 -12.59 9.54
N ASN A 122 10.65 -13.62 8.73
CA ASN A 122 9.66 -14.27 7.85
C ASN A 122 8.85 -15.34 8.59
N LYS A 123 7.78 -15.81 7.94
CA LYS A 123 6.87 -16.87 8.43
C LYS A 123 6.20 -16.41 9.73
N CYS A 124 5.75 -15.18 9.80
CA CYS A 124 5.11 -14.62 11.01
C CYS A 124 3.69 -15.19 11.11
N ASP A 125 3.23 -15.94 10.11
CA ASP A 125 1.92 -16.66 10.08
C ASP A 125 1.90 -17.87 11.01
N LEU A 126 3.08 -18.44 11.26
CA LEU A 126 3.29 -19.70 12.05
C LEU A 126 3.13 -19.42 13.53
N PRO A 127 2.51 -20.39 14.25
CA PRO A 127 2.41 -20.35 15.72
C PRO A 127 3.74 -20.67 16.45
N SER A 128 4.48 -21.64 15.93
CA SER A 128 5.70 -22.03 16.69
C SER A 128 6.77 -20.96 16.44
N ARG A 129 6.83 -19.99 17.35
CA ARG A 129 7.83 -18.89 17.24
C ARG A 129 8.82 -18.99 18.39
N THR A 130 10.09 -19.16 18.01
CA THR A 130 11.27 -19.29 18.90
C THR A 130 12.03 -17.94 18.98
N VAL A 131 11.86 -17.06 17.97
CA VAL A 131 12.55 -15.73 17.94
C VAL A 131 11.49 -14.65 18.18
N ASP A 132 11.53 -14.01 19.35
CA ASP A 132 10.60 -12.91 19.75
C ASP A 132 10.84 -11.66 18.90
N THR A 133 9.75 -10.98 18.54
CA THR A 133 9.75 -9.62 17.94
C THR A 133 10.76 -8.74 18.68
N LYS A 134 10.65 -8.67 20.01
CA LYS A 134 11.52 -7.82 20.85
C LYS A 134 12.99 -8.13 20.56
N GLN A 135 13.40 -9.40 20.47
CA GLN A 135 14.80 -9.84 20.20
C GLN A 135 15.26 -9.27 18.86
N ALA A 136 14.42 -9.41 17.84
CA ALA A 136 14.70 -8.93 16.47
C ALA A 136 14.82 -7.42 16.51
N GLN A 137 13.85 -6.74 17.15
CA GLN A 137 13.84 -5.25 17.26
C GLN A 137 15.16 -4.82 17.86
N ASP A 138 15.63 -5.52 18.90
CA ASP A 138 16.90 -5.15 19.60
C ASP A 138 18.11 -5.21 18.65
N LEU A 139 18.23 -6.27 17.84
CA LEU A 139 19.36 -6.40 16.87
C LEU A 139 19.26 -5.32 15.78
N ALA A 140 18.05 -5.04 15.32
CA ALA A 140 17.79 -3.98 14.31
C ALA A 140 18.30 -2.63 14.86
N ARG A 141 17.77 -2.16 16.00
CA ARG A 141 18.16 -0.84 16.59
C ARG A 141 19.67 -0.85 16.79
N SER A 142 20.24 -2.00 17.11
CA SER A 142 21.72 -2.14 17.27
C SER A 142 22.45 -1.74 15.98
N TYR A 143 22.03 -2.30 14.85
CA TYR A 143 22.70 -2.14 13.54
C TYR A 143 22.27 -0.81 12.87
N GLY A 144 21.19 -0.20 13.37
CA GLY A 144 20.60 1.04 12.85
C GLY A 144 19.77 0.81 11.61
N ILE A 145 19.12 -0.36 11.48
CA ILE A 145 18.34 -0.74 10.27
C ILE A 145 16.90 -1.05 10.65
N PRO A 146 15.96 -0.91 9.70
CA PRO A 146 14.58 -1.28 9.94
C PRO A 146 14.43 -2.78 10.16
N PHE A 147 13.42 -3.14 10.97
CA PHE A 147 12.97 -4.53 11.16
C PHE A 147 11.54 -4.68 10.68
N ILE A 148 11.27 -5.72 9.91
CA ILE A 148 9.88 -6.05 9.49
C ILE A 148 9.64 -7.57 9.54
N GLU A 149 8.46 -7.94 10.06
CA GLU A 149 7.96 -9.32 10.12
C GLU A 149 7.11 -9.57 8.87
N THR A 150 7.33 -10.70 8.23
CA THR A 150 6.69 -11.01 6.93
C THR A 150 6.16 -12.43 6.94
N SER A 151 5.20 -12.65 6.04
CA SER A 151 4.70 -13.97 5.64
C SER A 151 4.64 -14.00 4.12
N ALA A 152 5.58 -14.69 3.49
CA ALA A 152 5.52 -15.03 2.05
C ALA A 152 4.21 -15.75 1.75
N LYS A 153 3.54 -16.29 2.76
CA LYS A 153 2.38 -17.18 2.58
C LYS A 153 1.14 -16.30 2.44
N THR A 154 0.93 -15.39 3.40
CA THR A 154 -0.27 -14.51 3.42
C THR A 154 0.02 -13.21 2.66
N ARG A 155 1.33 -12.93 2.42
CA ARG A 155 1.90 -11.71 1.77
C ARG A 155 1.98 -10.57 2.79
N GLN A 156 1.59 -10.79 4.04
CA GLN A 156 1.76 -9.74 5.08
C GLN A 156 3.21 -9.24 5.03
N GLY A 157 3.37 -7.94 4.92
CA GLY A 157 4.64 -7.22 5.10
C GLY A 157 5.58 -7.35 3.93
N VAL A 158 5.23 -8.10 2.89
CA VAL A 158 6.22 -8.45 1.82
C VAL A 158 6.56 -7.18 1.03
N ASP A 159 5.58 -6.51 0.46
CA ASP A 159 5.80 -5.26 -0.30
C ASP A 159 6.58 -4.29 0.60
N ASP A 160 6.07 -4.05 1.79
CA ASP A 160 6.65 -3.11 2.80
C ASP A 160 8.14 -3.42 3.01
N ALA A 161 8.50 -4.69 3.11
CA ALA A 161 9.89 -5.13 3.35
C ALA A 161 10.80 -4.60 2.24
N PHE A 162 10.43 -4.92 1.00
CA PHE A 162 11.26 -4.55 -0.17
C PHE A 162 11.25 -3.03 -0.38
N TYR A 163 10.13 -2.36 -0.13
CA TYR A 163 9.99 -0.90 -0.36
C TYR A 163 10.81 -0.20 0.71
N THR A 164 10.76 -0.74 1.91
CA THR A 164 11.46 -0.14 3.06
C THR A 164 12.95 -0.13 2.74
N LEU A 165 13.42 -1.20 2.10
CA LEU A 165 14.84 -1.33 1.73
C LEU A 165 15.11 -0.24 0.70
N VAL A 166 14.24 -0.09 -0.26
CA VAL A 166 14.47 0.90 -1.34
C VAL A 166 14.57 2.25 -0.67
N ARG A 167 13.67 2.55 0.27
CA ARG A 167 13.73 3.82 1.04
C ARG A 167 15.11 3.95 1.66
N GLU A 168 15.69 2.84 2.11
CA GLU A 168 17.01 2.85 2.78
C GLU A 168 18.08 3.23 1.76
N ILE A 169 17.99 2.70 0.56
CA ILE A 169 18.97 3.00 -0.52
C ILE A 169 18.90 4.48 -0.87
N ARG A 170 17.70 5.05 -0.95
CA ARG A 170 17.51 6.51 -1.22
C ARG A 170 18.22 7.36 -0.15
N LYS A 171 17.93 7.11 1.13
CA LYS A 171 18.55 7.76 2.32
C LYS A 171 20.06 7.76 2.18
N HIS A 172 20.63 6.62 1.80
CA HIS A 172 22.10 6.43 1.69
C HIS A 172 22.64 7.33 0.57
N LYS A 173 21.94 7.48 -0.54
CA LYS A 173 22.48 8.33 -1.65
C LYS A 173 21.82 9.73 -1.67
N GLU A 174 21.33 10.21 -0.52
CA GLU A 174 20.31 11.29 -0.29
C GLU A 174 19.38 11.43 -1.51
N ALA B 4 9.35 7.93 -11.93
CA ALA B 4 9.79 9.02 -11.02
C ALA B 4 9.02 10.34 -11.25
N GLY B 5 8.15 10.47 -12.27
CA GLY B 5 7.61 11.78 -12.74
C GLY B 5 6.08 11.83 -12.92
N ALA B 6 5.62 12.41 -14.05
CA ALA B 6 4.21 12.80 -14.40
C ALA B 6 3.18 11.72 -14.00
N MET B 7 1.97 12.15 -13.64
CA MET B 7 0.96 11.29 -12.95
C MET B 7 -0.45 11.66 -13.40
N THR B 8 -1.19 10.69 -13.94
CA THR B 8 -2.60 10.84 -14.35
C THR B 8 -3.50 10.06 -13.37
N GLU B 9 -4.66 10.60 -13.03
CA GLU B 9 -5.65 9.92 -12.18
C GLU B 9 -6.77 9.36 -13.05
N TYR B 10 -7.17 8.12 -12.74
CA TYR B 10 -8.26 7.37 -13.40
C TYR B 10 -9.29 6.96 -12.36
N LYS B 11 -10.54 7.38 -12.61
CA LYS B 11 -11.67 7.02 -11.70
C LYS B 11 -12.32 5.77 -12.29
N LEU B 12 -12.07 4.63 -11.66
CA LEU B 12 -12.63 3.33 -12.12
C LEU B 12 -13.72 2.93 -11.13
N VAL B 13 -14.91 2.57 -11.62
CA VAL B 13 -16.00 1.99 -10.79
C VAL B 13 -16.15 0.52 -11.21
N VAL B 14 -16.17 -0.38 -10.22
CA VAL B 14 -16.38 -1.85 -10.41
C VAL B 14 -17.85 -2.15 -10.11
N VAL B 15 -18.55 -2.73 -11.08
CA VAL B 15 -20.01 -3.01 -10.97
C VAL B 15 -20.25 -4.46 -11.38
N GLY B 16 -21.39 -4.98 -10.93
CA GLY B 16 -21.85 -6.36 -11.13
C GLY B 16 -22.75 -6.83 -10.00
N ALA B 17 -23.42 -7.96 -10.22
CA ALA B 17 -24.33 -8.68 -9.30
C ALA B 17 -23.62 -9.03 -7.98
N ASP B 18 -24.42 -9.33 -6.94
CA ASP B 18 -23.95 -9.94 -5.68
C ASP B 18 -23.04 -11.11 -6.05
N GLY B 19 -21.79 -11.07 -5.57
CA GLY B 19 -20.96 -12.24 -5.32
C GLY B 19 -20.13 -12.67 -6.50
N VAL B 20 -19.97 -11.78 -7.48
CA VAL B 20 -19.24 -12.06 -8.75
C VAL B 20 -17.74 -11.90 -8.53
N GLY B 21 -17.35 -11.13 -7.50
CA GLY B 21 -15.93 -10.99 -7.08
C GLY B 21 -15.39 -9.58 -7.24
N LYS B 22 -16.26 -8.59 -7.12
CA LYS B 22 -15.91 -7.17 -7.33
C LYS B 22 -14.85 -6.82 -6.28
N SER B 23 -15.17 -7.07 -5.01
CA SER B 23 -14.30 -6.86 -3.84
C SER B 23 -13.04 -7.70 -3.96
N ALA B 24 -13.17 -8.98 -4.26
CA ALA B 24 -12.04 -9.91 -4.44
C ALA B 24 -11.06 -9.33 -5.49
N LEU B 25 -11.55 -8.92 -6.66
CA LEU B 25 -10.71 -8.39 -7.78
C LEU B 25 -10.04 -7.09 -7.33
N THR B 26 -10.81 -6.21 -6.69
CA THR B 26 -10.33 -4.88 -6.20
C THR B 26 -9.18 -5.13 -5.20
N ILE B 27 -9.49 -5.82 -4.12
CA ILE B 27 -8.50 -6.17 -3.06
C ILE B 27 -7.27 -6.75 -3.75
N GLN B 28 -7.42 -7.60 -4.78
CA GLN B 28 -6.26 -8.24 -5.45
C GLN B 28 -5.40 -7.19 -6.13
N LEU B 29 -5.98 -6.09 -6.61
CA LEU B 29 -5.20 -5.03 -7.29
C LEU B 29 -4.49 -4.11 -6.28
N ILE B 30 -5.09 -3.86 -5.12
CA ILE B 30 -4.56 -2.91 -4.09
C ILE B 30 -3.56 -3.64 -3.19
N GLN B 31 -4.05 -4.55 -2.35
CA GLN B 31 -3.29 -5.18 -1.25
C GLN B 31 -2.53 -6.40 -1.78
N ASN B 32 -2.87 -6.87 -2.98
CA ASN B 32 -2.33 -8.08 -3.67
C ASN B 32 -2.54 -9.39 -2.88
N HIS B 33 -3.61 -9.52 -2.06
CA HIS B 33 -4.11 -10.81 -1.51
C HIS B 33 -5.60 -11.03 -1.86
N PHE B 34 -6.14 -12.25 -1.63
CA PHE B 34 -7.51 -12.67 -2.07
C PHE B 34 -8.51 -12.41 -0.93
N GLU B 43 -19.75 -0.27 0.46
CA GLU B 43 -19.31 0.43 -0.79
C GLU B 43 -17.97 1.14 -0.55
N ASP B 44 -16.86 0.38 -0.56
CA ASP B 44 -15.49 0.90 -0.31
C ASP B 44 -14.98 1.69 -1.52
N SER B 45 -14.01 2.58 -1.30
CA SER B 45 -13.18 3.20 -2.36
C SER B 45 -11.70 3.10 -1.99
N TYR B 46 -10.84 3.12 -3.00
CA TYR B 46 -9.39 2.88 -2.80
C TYR B 46 -8.59 3.81 -3.71
N ARG B 47 -7.40 4.19 -3.27
CA ARG B 47 -6.45 4.95 -4.12
C ARG B 47 -5.15 4.16 -4.23
N LYS B 48 -4.65 3.94 -5.45
CA LYS B 48 -3.44 3.10 -5.66
C LYS B 48 -2.61 3.65 -6.82
N GLN B 49 -1.34 3.93 -6.57
CA GLN B 49 -0.36 4.29 -7.62
C GLN B 49 0.16 3.00 -8.26
N VAL B 50 0.30 3.04 -9.57
CA VAL B 50 0.68 1.86 -10.41
C VAL B 50 1.23 2.43 -11.74
N VAL B 51 2.14 1.69 -12.37
CA VAL B 51 2.75 2.10 -13.66
C VAL B 51 2.14 1.23 -14.77
N ILE B 52 1.54 1.87 -15.77
CA ILE B 52 0.89 1.14 -16.90
C ILE B 52 1.54 1.68 -18.15
N ASP B 53 2.26 0.82 -18.89
CA ASP B 53 2.92 1.25 -20.14
C ASP B 53 3.86 2.42 -19.82
N GLY B 54 4.55 2.38 -18.69
CA GLY B 54 5.52 3.42 -18.29
C GLY B 54 4.86 4.66 -17.69
N GLU B 55 3.71 5.12 -18.21
CA GLU B 55 2.95 6.24 -17.59
C GLU B 55 2.53 5.83 -16.17
N THR B 56 2.81 6.69 -15.19
CA THR B 56 2.51 6.52 -13.74
C THR B 56 1.05 6.92 -13.49
N CYS B 57 0.30 6.03 -12.85
CA CYS B 57 -1.17 6.12 -12.81
C CYS B 57 -1.63 6.05 -11.37
N LEU B 58 -2.54 6.92 -11.03
CA LEU B 58 -3.30 6.87 -9.77
C LEU B 58 -4.70 6.36 -10.10
N LEU B 59 -4.96 5.12 -9.70
CA LEU B 59 -6.29 4.47 -9.81
C LEU B 59 -7.10 4.82 -8.58
N ASP B 60 -8.16 5.61 -8.79
CA ASP B 60 -9.22 5.90 -7.79
C ASP B 60 -10.36 4.91 -8.05
N ILE B 61 -10.49 3.86 -7.21
CA ILE B 61 -11.38 2.69 -7.48
C ILE B 61 -12.56 2.66 -6.50
N LEU B 62 -13.78 2.68 -7.05
CA LEU B 62 -15.03 2.52 -6.26
C LEU B 62 -15.49 1.08 -6.46
N ASP B 63 -15.47 0.30 -5.39
CA ASP B 63 -16.03 -1.07 -5.24
C ASP B 63 -17.51 -0.96 -4.81
N THR B 64 -18.44 -0.98 -5.75
CA THR B 64 -19.92 -0.86 -5.53
C THR B 64 -20.43 -2.02 -4.66
N ALA B 65 -21.47 -1.77 -3.84
CA ALA B 65 -21.99 -2.72 -2.82
C ALA B 65 -23.31 -2.20 -2.21
N GLY B 66 -24.00 -3.04 -1.43
CA GLY B 66 -25.30 -2.71 -0.83
C GLY B 66 -26.44 -3.04 -1.77
N GLN B 67 -27.45 -2.17 -1.84
CA GLN B 67 -28.76 -2.52 -2.43
C GLN B 67 -29.06 -1.67 -3.67
N GLU B 68 -29.93 -2.18 -4.55
CA GLU B 68 -30.42 -1.48 -5.76
C GLU B 68 -31.30 -0.28 -5.37
N GLU B 69 -30.81 0.95 -5.55
CA GLU B 69 -31.51 2.24 -5.29
C GLU B 69 -31.07 3.29 -6.33
N TYR B 70 -31.91 4.28 -6.63
CA TYR B 70 -31.70 5.24 -7.75
C TYR B 70 -31.97 6.69 -7.36
N SER B 71 -31.22 7.21 -6.38
CA SER B 71 -31.13 8.67 -6.09
C SER B 71 -30.51 9.40 -7.29
N ALA B 72 -30.67 10.72 -7.34
CA ALA B 72 -29.94 11.61 -8.27
C ALA B 72 -28.50 11.81 -7.75
N MET B 73 -28.27 11.59 -6.43
CA MET B 73 -26.93 11.58 -5.74
C MET B 73 -26.07 10.45 -6.31
N ARG B 74 -26.63 9.24 -6.34
CA ARG B 74 -25.97 8.04 -6.90
C ARG B 74 -25.67 8.31 -8.37
N ASP B 75 -26.68 8.71 -9.12
CA ASP B 75 -26.53 9.13 -10.54
C ASP B 75 -25.25 9.97 -10.72
N GLN B 76 -25.04 10.99 -9.88
CA GLN B 76 -23.91 11.96 -9.95
C GLN B 76 -22.61 11.24 -9.55
N TYR B 77 -22.59 10.61 -8.37
CA TYR B 77 -21.47 9.80 -7.85
C TYR B 77 -20.99 8.81 -8.92
N MET B 78 -21.91 8.15 -9.63
CA MET B 78 -21.60 7.19 -10.74
C MET B 78 -21.14 7.95 -11.98
N ARG B 79 -21.70 9.13 -12.25
CA ARG B 79 -21.34 9.92 -13.45
C ARG B 79 -19.83 10.27 -13.37
N THR B 80 -19.29 10.43 -12.17
CA THR B 80 -17.89 10.85 -11.93
C THR B 80 -16.92 9.80 -12.47
N GLY B 81 -17.39 8.54 -12.57
CA GLY B 81 -16.62 7.41 -13.10
C GLY B 81 -16.23 7.67 -14.53
N GLU B 82 -14.94 7.53 -14.84
CA GLU B 82 -14.37 7.72 -16.20
C GLU B 82 -14.39 6.36 -16.91
N GLY B 83 -14.27 5.27 -16.17
CA GLY B 83 -14.32 3.90 -16.73
C GLY B 83 -14.96 2.90 -15.78
N PHE B 84 -15.56 1.85 -16.35
CA PHE B 84 -16.37 0.85 -15.61
C PHE B 84 -15.88 -0.57 -15.93
N LEU B 85 -15.63 -1.34 -14.86
CA LEU B 85 -15.31 -2.77 -14.99
C LEU B 85 -16.60 -3.53 -14.69
N CYS B 86 -17.30 -3.94 -15.75
CA CYS B 86 -18.58 -4.69 -15.70
C CYS B 86 -18.26 -6.17 -15.48
N VAL B 87 -18.46 -6.63 -14.24
CA VAL B 87 -18.00 -7.95 -13.77
C VAL B 87 -19.21 -8.88 -13.65
N PHE B 88 -19.11 -10.04 -14.29
CA PHE B 88 -19.95 -11.22 -14.01
C PHE B 88 -19.01 -12.33 -13.57
N ALA B 89 -19.55 -13.42 -12.99
CA ALA B 89 -18.81 -14.67 -12.72
C ALA B 89 -19.20 -15.69 -13.78
N ILE B 90 -18.25 -16.40 -14.34
CA ILE B 90 -18.45 -17.39 -15.43
C ILE B 90 -19.30 -18.56 -14.94
N ASN B 91 -19.55 -18.69 -13.64
CA ASN B 91 -20.45 -19.74 -13.10
C ASN B 91 -21.75 -19.12 -12.60
N ASN B 92 -22.15 -17.97 -13.17
CA ASN B 92 -23.34 -17.21 -12.73
C ASN B 92 -24.01 -16.61 -13.97
N THR B 93 -24.88 -17.38 -14.61
CA THR B 93 -25.64 -16.94 -15.82
C THR B 93 -26.36 -15.62 -15.52
N LYS B 94 -27.08 -15.55 -14.41
CA LYS B 94 -27.84 -14.33 -14.05
C LYS B 94 -26.89 -13.12 -14.00
N SER B 95 -25.70 -13.29 -13.42
CA SER B 95 -24.74 -12.16 -13.29
C SER B 95 -24.40 -11.68 -14.70
N PHE B 96 -24.30 -12.61 -15.65
CA PHE B 96 -23.95 -12.30 -17.06
C PHE B 96 -25.10 -11.55 -17.75
N GLU B 97 -26.33 -12.01 -17.54
CA GLU B 97 -27.57 -11.38 -18.02
C GLU B 97 -27.69 -9.98 -17.42
N ASP B 98 -27.35 -9.79 -16.15
CA ASP B 98 -27.49 -8.44 -15.52
C ASP B 98 -26.52 -7.44 -16.19
N ILE B 99 -25.50 -7.86 -16.94
CA ILE B 99 -24.54 -6.86 -17.54
C ILE B 99 -25.35 -5.82 -18.33
N HIS B 100 -26.37 -6.28 -19.05
CA HIS B 100 -27.17 -5.42 -19.95
C HIS B 100 -27.70 -4.25 -19.11
N HIS B 101 -28.25 -4.54 -17.93
CA HIS B 101 -28.87 -3.53 -17.03
C HIS B 101 -27.83 -2.49 -16.62
N TYR B 102 -26.62 -2.93 -16.29
CA TYR B 102 -25.57 -2.04 -15.74
C TYR B 102 -25.06 -1.15 -16.88
N ARG B 103 -24.85 -1.71 -18.09
CA ARG B 103 -24.41 -0.89 -19.25
C ARG B 103 -25.45 0.23 -19.40
N GLU B 104 -26.74 -0.12 -19.32
CA GLU B 104 -27.89 0.81 -19.54
C GLU B 104 -27.95 1.85 -18.41
N GLN B 105 -27.65 1.48 -17.15
CA GLN B 105 -27.58 2.48 -16.07
C GLN B 105 -26.41 3.44 -16.31
N ILE B 106 -25.34 2.94 -16.94
CA ILE B 106 -24.08 3.71 -17.14
C ILE B 106 -24.25 4.59 -18.38
N LYS B 107 -24.82 4.02 -19.46
CA LYS B 107 -25.23 4.77 -20.67
C LYS B 107 -26.17 5.91 -20.25
N ARG B 108 -27.11 5.61 -19.34
CA ARG B 108 -28.10 6.58 -18.81
C ARG B 108 -27.38 7.70 -18.05
N VAL B 109 -26.67 7.43 -16.95
CA VAL B 109 -26.05 8.52 -16.13
C VAL B 109 -24.88 9.17 -16.89
N LYS B 110 -24.32 8.59 -17.95
CA LYS B 110 -23.25 9.25 -18.76
C LYS B 110 -23.84 9.86 -20.04
N ASP B 111 -25.16 9.76 -20.23
CA ASP B 111 -25.87 10.41 -21.35
C ASP B 111 -25.03 10.25 -22.63
N SER B 112 -24.42 9.08 -22.79
CA SER B 112 -23.46 8.79 -23.88
C SER B 112 -23.53 7.30 -24.22
N GLU B 113 -23.36 6.96 -25.49
CA GLU B 113 -23.31 5.55 -25.94
C GLU B 113 -21.86 5.09 -25.93
N ASP B 114 -20.92 6.00 -25.67
CA ASP B 114 -19.46 5.77 -25.73
C ASP B 114 -18.82 6.12 -24.37
N VAL B 115 -18.73 5.11 -23.50
CA VAL B 115 -18.15 5.16 -22.12
C VAL B 115 -17.03 4.10 -22.04
N PRO B 116 -15.83 4.44 -21.52
CA PRO B 116 -14.83 3.42 -21.22
C PRO B 116 -15.43 2.31 -20.33
N MET B 117 -15.30 1.08 -20.83
CA MET B 117 -15.91 -0.11 -20.20
C MET B 117 -15.05 -1.32 -20.51
N VAL B 118 -14.90 -2.21 -19.54
CA VAL B 118 -14.34 -3.56 -19.78
C VAL B 118 -15.30 -4.58 -19.19
N LEU B 119 -15.64 -5.59 -19.99
CA LEU B 119 -16.39 -6.77 -19.54
C LEU B 119 -15.41 -7.72 -18.88
N VAL B 120 -15.70 -8.07 -17.63
CA VAL B 120 -14.85 -9.04 -16.88
C VAL B 120 -15.69 -10.26 -16.57
N GLY B 121 -15.23 -11.40 -17.10
CA GLY B 121 -15.65 -12.76 -16.73
C GLY B 121 -14.75 -13.30 -15.63
N ASN B 122 -15.15 -13.13 -14.38
CA ASN B 122 -14.32 -13.54 -13.23
C ASN B 122 -14.59 -15.02 -12.85
N LYS B 123 -13.68 -15.58 -12.05
CA LYS B 123 -13.72 -16.90 -11.37
C LYS B 123 -13.40 -17.99 -12.39
N CYS B 124 -12.56 -17.68 -13.38
CA CYS B 124 -12.13 -18.64 -14.44
C CYS B 124 -11.21 -19.74 -13.85
N ASP B 125 -10.94 -19.72 -12.53
CA ASP B 125 -10.29 -20.82 -11.77
C ASP B 125 -11.26 -21.99 -11.55
N LEU B 126 -12.58 -21.75 -11.67
CA LEU B 126 -13.63 -22.72 -11.26
C LEU B 126 -13.85 -23.73 -12.37
N PRO B 127 -14.14 -25.02 -12.04
CA PRO B 127 -14.27 -26.11 -13.05
C PRO B 127 -15.38 -26.18 -14.12
N SER B 128 -16.66 -25.99 -13.75
CA SER B 128 -17.76 -25.97 -14.75
C SER B 128 -18.27 -24.54 -14.86
N ARG B 129 -18.38 -24.04 -16.07
CA ARG B 129 -18.72 -22.63 -16.35
C ARG B 129 -19.97 -22.63 -17.21
N THR B 130 -21.04 -22.00 -16.74
CA THR B 130 -22.32 -21.88 -17.48
C THR B 130 -22.29 -20.69 -18.46
N VAL B 131 -21.20 -19.92 -18.54
CA VAL B 131 -21.06 -18.81 -19.51
C VAL B 131 -19.75 -18.98 -20.29
N ASP B 132 -19.83 -19.22 -21.58
CA ASP B 132 -18.63 -19.65 -22.34
C ASP B 132 -17.90 -18.39 -22.79
N THR B 133 -16.59 -18.47 -22.90
CA THR B 133 -15.74 -17.43 -23.52
C THR B 133 -16.47 -16.85 -24.72
N LYS B 134 -16.92 -17.70 -25.64
CA LYS B 134 -17.49 -17.23 -26.92
C LYS B 134 -18.65 -16.30 -26.58
N GLN B 135 -19.48 -16.67 -25.61
CA GLN B 135 -20.73 -15.91 -25.27
C GLN B 135 -20.37 -14.49 -24.80
N ALA B 136 -19.29 -14.39 -24.02
CA ALA B 136 -18.84 -13.13 -23.40
C ALA B 136 -18.18 -12.28 -24.49
N GLN B 137 -17.29 -12.87 -25.30
CA GLN B 137 -16.63 -12.20 -26.46
C GLN B 137 -17.74 -11.55 -27.30
N ASP B 138 -18.81 -12.31 -27.59
CA ASP B 138 -19.99 -11.93 -28.44
C ASP B 138 -20.61 -10.63 -27.93
N LEU B 139 -20.84 -10.54 -26.62
CA LEU B 139 -21.56 -9.39 -26.01
C LEU B 139 -20.68 -8.14 -26.01
N ALA B 140 -19.40 -8.32 -25.66
CA ALA B 140 -18.36 -7.26 -25.61
C ALA B 140 -18.13 -6.75 -27.04
N ARG B 141 -18.01 -7.62 -28.04
CA ARG B 141 -17.95 -7.19 -29.46
C ARG B 141 -19.17 -6.29 -29.75
N SER B 142 -20.38 -6.65 -29.31
CA SER B 142 -21.63 -5.88 -29.65
C SER B 142 -21.62 -4.53 -28.93
N TYR B 143 -21.00 -4.46 -27.76
CA TYR B 143 -20.87 -3.22 -26.94
C TYR B 143 -19.64 -2.40 -27.37
N GLY B 144 -18.78 -2.95 -28.25
CA GLY B 144 -17.50 -2.36 -28.67
C GLY B 144 -16.54 -2.13 -27.52
N ILE B 145 -16.46 -3.10 -26.60
CA ILE B 145 -15.59 -3.01 -25.39
C ILE B 145 -14.79 -4.30 -25.31
N PRO B 146 -13.58 -4.25 -24.73
CA PRO B 146 -12.80 -5.46 -24.50
C PRO B 146 -13.45 -6.38 -23.44
N PHE B 147 -13.14 -7.67 -23.54
CA PHE B 147 -13.52 -8.72 -22.59
C PHE B 147 -12.26 -9.29 -21.99
N ILE B 148 -12.23 -9.51 -20.69
CA ILE B 148 -11.05 -10.16 -20.06
C ILE B 148 -11.53 -11.15 -18.98
N GLU B 149 -10.94 -12.35 -19.04
CA GLU B 149 -11.19 -13.47 -18.11
C GLU B 149 -10.24 -13.33 -16.93
N THR B 150 -10.79 -13.41 -15.72
CA THR B 150 -10.04 -13.24 -14.47
C THR B 150 -10.41 -14.35 -13.47
N SER B 151 -9.44 -14.66 -12.60
CA SER B 151 -9.64 -15.25 -11.27
C SER B 151 -8.96 -14.33 -10.28
N ALA B 152 -9.73 -13.68 -9.41
CA ALA B 152 -9.25 -12.96 -8.21
C ALA B 152 -8.49 -13.94 -7.33
N LYS B 153 -8.86 -15.22 -7.35
CA LYS B 153 -8.25 -16.22 -6.42
C LYS B 153 -6.83 -16.48 -6.90
N THR B 154 -6.66 -16.86 -8.16
CA THR B 154 -5.33 -17.18 -8.73
C THR B 154 -4.63 -15.88 -9.14
N ARG B 155 -5.37 -14.76 -9.17
CA ARG B 155 -4.91 -13.41 -9.62
C ARG B 155 -4.71 -13.36 -11.15
N GLN B 156 -5.08 -14.40 -11.89
CA GLN B 156 -4.99 -14.43 -13.37
C GLN B 156 -5.81 -13.27 -13.97
N GLY B 157 -5.23 -12.53 -14.90
CA GLY B 157 -5.96 -11.52 -15.68
C GLY B 157 -6.32 -10.27 -14.89
N VAL B 158 -6.02 -10.19 -13.59
CA VAL B 158 -6.55 -9.07 -12.76
C VAL B 158 -5.95 -7.76 -13.23
N ASP B 159 -4.63 -7.67 -13.35
CA ASP B 159 -3.92 -6.45 -13.82
C ASP B 159 -4.41 -6.11 -15.23
N ASP B 160 -4.43 -7.11 -16.11
CA ASP B 160 -4.87 -7.01 -17.52
C ASP B 160 -6.23 -6.26 -17.59
N ALA B 161 -7.15 -6.59 -16.70
CA ALA B 161 -8.53 -6.05 -16.66
C ALA B 161 -8.49 -4.56 -16.35
N PHE B 162 -7.85 -4.17 -15.25
CA PHE B 162 -7.77 -2.75 -14.81
C PHE B 162 -6.91 -1.96 -15.78
N TYR B 163 -5.73 -2.48 -16.17
CA TYR B 163 -4.83 -1.80 -17.14
C TYR B 163 -5.57 -1.59 -18.45
N THR B 164 -6.33 -2.60 -18.89
CA THR B 164 -7.17 -2.46 -20.10
C THR B 164 -8.16 -1.31 -19.89
N LEU B 165 -8.85 -1.23 -18.74
CA LEU B 165 -9.90 -0.20 -18.55
C LEU B 165 -9.25 1.18 -18.57
N VAL B 166 -8.02 1.28 -18.09
CA VAL B 166 -7.23 2.54 -18.13
C VAL B 166 -6.97 2.88 -19.60
N ARG B 167 -6.50 1.91 -20.39
CA ARG B 167 -6.10 2.10 -21.81
C ARG B 167 -7.32 2.57 -22.60
N GLU B 168 -8.50 2.01 -22.32
CA GLU B 168 -9.79 2.49 -22.88
C GLU B 168 -10.00 3.97 -22.52
N ILE B 169 -9.73 4.38 -21.29
CA ILE B 169 -10.01 5.77 -20.83
C ILE B 169 -9.03 6.73 -21.52
N ARG B 170 -7.75 6.38 -21.58
CA ARG B 170 -6.75 7.17 -22.35
C ARG B 170 -7.30 7.39 -23.77
N LYS B 171 -7.48 6.30 -24.51
CA LYS B 171 -7.90 6.26 -25.93
C LYS B 171 -9.18 7.09 -26.05
N HIS B 172 -10.08 6.96 -25.09
CA HIS B 172 -11.34 7.75 -25.06
C HIS B 172 -11.02 9.25 -25.00
N LYS B 173 -10.17 9.70 -24.07
CA LYS B 173 -9.68 11.11 -23.97
C LYS B 173 -8.82 11.46 -25.19
N GLU B 174 -8.02 10.52 -25.70
CA GLU B 174 -7.15 10.76 -26.88
C GLU B 174 -5.97 11.64 -26.46
N ALA C 6 1.98 -7.89 28.32
CA ALA C 6 1.49 -6.47 28.29
C ALA C 6 1.22 -6.08 26.83
N MET C 7 0.22 -5.21 26.64
CA MET C 7 -0.26 -4.75 25.31
C MET C 7 0.48 -3.46 24.93
N THR C 8 0.93 -3.30 23.68
CA THR C 8 1.68 -2.08 23.27
C THR C 8 0.68 -0.94 23.01
N GLU C 9 0.87 0.19 23.69
CA GLU C 9 0.11 1.45 23.47
C GLU C 9 0.90 2.30 22.47
N TYR C 10 0.25 2.99 21.54
CA TYR C 10 0.87 3.99 20.63
C TYR C 10 0.17 5.34 20.75
N LYS C 11 0.90 6.33 21.25
CA LYS C 11 0.50 7.75 21.37
C LYS C 11 0.68 8.42 20.00
N LEU C 12 -0.42 8.56 19.26
CA LEU C 12 -0.45 9.22 17.93
C LEU C 12 -1.01 10.64 18.10
N VAL C 13 -0.43 11.56 17.35
CA VAL C 13 -0.87 12.98 17.32
C VAL C 13 -1.23 13.29 15.88
N VAL C 14 -2.43 13.81 15.68
CA VAL C 14 -2.98 14.31 14.39
C VAL C 14 -2.84 15.82 14.38
N VAL C 15 -2.00 16.36 13.50
CA VAL C 15 -1.72 17.82 13.42
C VAL C 15 -2.11 18.36 12.03
N GLY C 16 -2.29 19.69 11.91
CA GLY C 16 -2.71 20.33 10.65
C GLY C 16 -3.57 21.56 10.86
N ALA C 17 -3.63 22.41 9.83
CA ALA C 17 -4.46 23.64 9.73
C ALA C 17 -5.88 23.34 10.18
N ASP C 18 -6.65 24.36 10.53
CA ASP C 18 -8.08 24.20 10.87
C ASP C 18 -8.79 23.63 9.64
N GLY C 19 -9.73 22.70 9.86
CA GLY C 19 -10.73 22.29 8.85
C GLY C 19 -10.18 21.34 7.81
N VAL C 20 -9.06 20.67 8.10
CA VAL C 20 -8.46 19.70 7.11
C VAL C 20 -9.09 18.31 7.30
N GLY C 21 -9.73 18.06 8.44
CA GLY C 21 -10.43 16.79 8.72
C GLY C 21 -9.71 15.98 9.78
N LYS C 22 -8.86 16.61 10.58
CA LYS C 22 -8.23 15.95 11.76
C LYS C 22 -9.33 15.22 12.53
N SER C 23 -10.34 15.94 13.02
CA SER C 23 -11.47 15.34 13.78
C SER C 23 -12.17 14.24 12.98
N ALA C 24 -12.58 14.54 11.75
CA ALA C 24 -13.31 13.60 10.88
C ALA C 24 -12.53 12.28 10.79
N LEU C 25 -11.23 12.39 10.53
CA LEU C 25 -10.34 11.24 10.36
C LEU C 25 -10.31 10.44 11.66
N THR C 26 -10.08 11.12 12.75
CA THR C 26 -9.98 10.49 14.09
C THR C 26 -11.29 9.75 14.36
N ILE C 27 -12.41 10.38 14.05
CA ILE C 27 -13.74 9.82 14.44
C ILE C 27 -14.03 8.67 13.50
N GLN C 28 -13.55 8.72 12.26
CA GLN C 28 -13.71 7.58 11.34
C GLN C 28 -12.93 6.40 11.89
N LEU C 29 -11.70 6.61 12.32
CA LEU C 29 -10.90 5.48 12.82
C LEU C 29 -11.61 4.89 14.04
N ILE C 30 -11.96 5.73 15.01
CA ILE C 30 -12.48 5.30 16.33
C ILE C 30 -13.92 4.77 16.26
N GLN C 31 -14.84 5.48 15.60
CA GLN C 31 -16.31 5.27 15.76
C GLN C 31 -16.95 4.85 14.44
N ASN C 32 -16.14 4.66 13.40
CA ASN C 32 -16.56 4.19 12.05
C ASN C 32 -17.80 4.97 11.57
N HIS C 33 -17.75 6.30 11.59
CA HIS C 33 -18.73 7.19 10.92
C HIS C 33 -18.16 8.60 10.74
N PHE C 34 -18.64 9.29 9.70
CA PHE C 34 -18.30 10.66 9.29
C PHE C 34 -19.27 11.64 9.96
N VAL C 35 -18.72 12.70 10.55
CA VAL C 35 -19.47 13.86 11.12
C VAL C 35 -19.22 15.08 10.22
N ASP C 36 -20.28 15.73 9.75
CA ASP C 36 -20.14 16.90 8.87
C ASP C 36 -19.51 18.10 9.59
N GLU C 37 -19.82 18.28 10.89
CA GLU C 37 -19.51 19.51 11.64
C GLU C 37 -19.20 19.10 13.06
N TYR C 38 -18.09 18.41 13.27
CA TYR C 38 -17.57 18.18 14.64
C TYR C 38 -16.89 19.46 15.12
N ASP C 39 -17.28 19.87 16.34
CA ASP C 39 -16.87 21.20 16.84
C ASP C 39 -15.39 21.40 16.54
N PRO C 40 -15.08 22.43 15.74
CA PRO C 40 -13.71 22.82 15.40
C PRO C 40 -12.78 23.27 16.55
N THR C 41 -13.33 23.47 17.76
CA THR C 41 -12.58 24.00 18.95
C THR C 41 -12.01 22.86 19.82
N ILE C 42 -12.50 21.61 19.67
CA ILE C 42 -12.33 20.51 20.68
C ILE C 42 -11.06 19.69 20.35
N GLU C 43 -10.03 19.84 21.20
CA GLU C 43 -8.77 19.04 21.20
C GLU C 43 -8.92 17.87 22.17
N ASP C 44 -9.01 16.63 21.70
CA ASP C 44 -9.32 15.48 22.62
C ASP C 44 -8.40 14.27 22.34
N SER C 45 -8.29 13.40 23.34
CA SER C 45 -7.76 12.00 23.29
C SER C 45 -8.88 11.03 22.93
N TYR C 46 -8.64 10.14 21.99
CA TYR C 46 -9.50 8.97 21.73
C TYR C 46 -8.62 7.72 21.81
N ARG C 47 -9.00 6.80 22.69
CA ARG C 47 -8.37 5.47 22.85
C ARG C 47 -9.20 4.49 22.03
N LYS C 48 -8.59 3.39 21.62
CA LYS C 48 -9.27 2.33 20.84
C LYS C 48 -8.33 1.13 20.75
N GLN C 49 -8.78 -0.01 21.22
CA GLN C 49 -8.09 -1.29 20.96
C GLN C 49 -8.28 -1.63 19.48
N VAL C 50 -7.18 -1.82 18.75
CA VAL C 50 -7.17 -2.19 17.30
C VAL C 50 -6.22 -3.39 17.08
N VAL C 51 -6.38 -4.07 15.95
CA VAL C 51 -5.46 -5.16 15.50
C VAL C 51 -4.82 -4.74 14.16
N ILE C 52 -3.50 -4.49 14.17
CA ILE C 52 -2.68 -4.12 12.98
C ILE C 52 -1.64 -5.23 12.74
N ASP C 53 -1.72 -5.94 11.61
CA ASP C 53 -0.71 -6.98 11.25
C ASP C 53 -0.63 -8.07 12.33
N GLY C 54 -1.76 -8.47 12.91
CA GLY C 54 -1.88 -9.64 13.81
C GLY C 54 -1.62 -9.30 15.27
N GLU C 55 -0.96 -8.17 15.52
CA GLU C 55 -0.65 -7.67 16.88
C GLU C 55 -1.81 -6.76 17.32
N THR C 56 -2.44 -7.07 18.45
CA THR C 56 -3.42 -6.19 19.14
C THR C 56 -2.63 -5.06 19.81
N CYS C 57 -3.14 -3.83 19.71
CA CYS C 57 -2.51 -2.68 20.39
C CYS C 57 -3.56 -1.62 20.68
N LEU C 58 -3.21 -0.69 21.56
CA LEU C 58 -4.15 0.40 21.94
C LEU C 58 -3.63 1.73 21.42
N LEU C 59 -4.36 2.32 20.49
CA LEU C 59 -4.10 3.68 19.95
C LEU C 59 -4.69 4.68 20.93
N ASP C 60 -3.86 5.62 21.35
CA ASP C 60 -4.25 6.86 22.07
C ASP C 60 -3.97 8.05 21.12
N ILE C 61 -5.01 8.56 20.45
CA ILE C 61 -4.84 9.61 19.41
C ILE C 61 -5.20 10.97 19.97
N LEU C 62 -4.25 11.90 19.90
CA LEU C 62 -4.50 13.34 20.15
C LEU C 62 -4.93 14.01 18.84
N ASP C 63 -6.22 14.34 18.77
CA ASP C 63 -6.83 15.21 17.74
C ASP C 63 -6.64 16.67 18.15
N THR C 64 -5.59 17.30 17.64
CA THR C 64 -5.19 18.67 18.04
C THR C 64 -6.29 19.62 17.59
N ALA C 65 -6.45 20.75 18.32
CA ALA C 65 -7.38 21.85 18.01
C ALA C 65 -6.93 23.14 18.70
N GLY C 66 -7.70 24.23 18.54
CA GLY C 66 -7.44 25.51 19.22
C GLY C 66 -6.52 26.38 18.39
N GLN C 67 -5.81 27.29 19.07
CA GLN C 67 -5.12 28.45 18.47
C GLN C 67 -3.65 28.11 18.37
N GLU C 68 -2.88 28.81 17.53
CA GLU C 68 -1.40 28.65 17.49
C GLU C 68 -0.82 29.27 18.76
N GLU C 69 -0.38 28.44 19.71
CA GLU C 69 0.21 28.83 21.02
C GLU C 69 1.34 27.87 21.38
N TYR C 70 2.50 28.41 21.74
CA TYR C 70 3.73 27.69 22.11
C TYR C 70 4.00 27.88 23.62
N SER C 71 4.19 26.78 24.34
CA SER C 71 4.53 26.77 25.79
C SER C 71 5.40 25.55 26.07
N ALA C 72 5.97 25.48 27.27
CA ALA C 72 6.67 24.27 27.75
C ALA C 72 5.64 23.15 27.88
N MET C 73 4.40 23.45 28.27
CA MET C 73 3.39 22.43 28.59
C MET C 73 2.99 21.70 27.30
N ARG C 74 2.63 22.48 26.27
CA ARG C 74 2.24 21.97 24.93
C ARG C 74 3.43 21.24 24.30
N ASP C 75 4.62 21.82 24.36
CA ASP C 75 5.87 21.16 23.89
C ASP C 75 5.93 19.75 24.49
N GLN C 76 5.78 19.63 25.81
CA GLN C 76 5.84 18.34 26.53
C GLN C 76 4.64 17.49 26.09
N TYR C 77 3.46 18.09 26.07
CA TYR C 77 2.22 17.40 25.65
C TYR C 77 2.48 16.70 24.30
N MET C 78 3.12 17.41 23.38
CA MET C 78 3.43 16.93 22.00
C MET C 78 4.59 15.95 22.06
N ARG C 79 5.58 16.23 22.90
CA ARG C 79 6.79 15.39 23.05
C ARG C 79 6.37 13.94 23.34
N THR C 80 5.24 13.71 24.00
CA THR C 80 4.75 12.33 24.37
C THR C 80 4.24 11.56 23.15
N GLY C 81 3.96 12.24 22.04
CA GLY C 81 3.64 11.60 20.76
C GLY C 81 4.80 10.77 20.25
N GLU C 82 4.52 9.56 19.81
CA GLU C 82 5.51 8.62 19.23
C GLU C 82 5.40 8.64 17.71
N GLY C 83 4.23 8.96 17.17
CA GLY C 83 3.94 9.05 15.73
C GLY C 83 2.97 10.20 15.39
N PHE C 84 3.28 10.96 14.36
CA PHE C 84 2.47 12.15 13.94
C PHE C 84 1.83 11.90 12.58
N LEU C 85 0.53 12.23 12.49
CA LEU C 85 -0.19 12.24 11.20
C LEU C 85 -0.29 13.72 10.82
N CYS C 86 0.50 14.14 9.84
CA CYS C 86 0.58 15.56 9.40
C CYS C 86 -0.45 15.75 8.29
N VAL C 87 -1.55 16.44 8.58
CA VAL C 87 -2.76 16.40 7.71
C VAL C 87 -2.94 17.71 6.95
N PHE C 88 -3.13 17.63 5.63
CA PHE C 88 -3.57 18.78 4.81
C PHE C 88 -4.79 18.29 4.03
N ALA C 89 -5.55 19.23 3.46
CA ALA C 89 -6.70 18.97 2.57
C ALA C 89 -6.27 19.25 1.15
N ILE C 90 -6.59 18.37 0.24
CA ILE C 90 -6.11 18.47 -1.18
C ILE C 90 -6.78 19.67 -1.88
N ASN C 91 -7.85 20.23 -1.28
CA ASN C 91 -8.57 21.45 -1.77
C ASN C 91 -8.14 22.68 -0.94
N ASN C 92 -7.03 22.63 -0.21
CA ASN C 92 -6.57 23.74 0.67
C ASN C 92 -5.04 23.86 0.56
N THR C 93 -4.56 24.63 -0.42
CA THR C 93 -3.10 24.87 -0.66
C THR C 93 -2.42 25.36 0.62
N LYS C 94 -3.11 26.18 1.43
CA LYS C 94 -2.46 26.78 2.63
C LYS C 94 -2.14 25.63 3.60
N SER C 95 -3.10 24.74 3.87
CA SER C 95 -2.91 23.57 4.78
C SER C 95 -1.68 22.78 4.31
N PHE C 96 -1.50 22.57 3.01
CA PHE C 96 -0.31 21.86 2.49
C PHE C 96 0.99 22.65 2.73
N GLU C 97 0.98 23.94 2.42
CA GLU C 97 2.14 24.86 2.60
C GLU C 97 2.62 24.84 4.06
N ASP C 98 1.66 24.71 4.97
CA ASP C 98 1.82 24.78 6.44
C ASP C 98 2.51 23.51 6.96
N ILE C 99 2.49 22.42 6.21
CA ILE C 99 3.02 21.12 6.69
C ILE C 99 4.46 21.29 7.18
N HIS C 100 5.30 22.06 6.49
CA HIS C 100 6.75 22.17 6.83
C HIS C 100 6.90 22.63 8.29
N HIS C 101 6.18 23.67 8.67
CA HIS C 101 6.09 24.23 10.04
C HIS C 101 5.72 23.11 11.02
N TYR C 102 4.64 22.40 10.79
CA TYR C 102 4.18 21.32 11.71
C TYR C 102 5.30 20.31 11.90
N ARG C 103 6.01 19.97 10.83
CA ARG C 103 7.15 19.03 10.85
C ARG C 103 8.32 19.67 11.61
N GLU C 104 8.62 20.96 11.39
CA GLU C 104 9.66 21.71 12.15
C GLU C 104 9.33 21.60 13.63
N GLN C 105 8.07 21.87 13.99
CA GLN C 105 7.65 21.88 15.40
C GLN C 105 7.83 20.47 15.98
N ILE C 106 7.44 19.45 15.22
CA ILE C 106 7.56 18.05 15.69
C ILE C 106 9.05 17.76 15.89
N LYS C 107 9.89 18.10 14.92
CA LYS C 107 11.36 17.91 14.97
C LYS C 107 11.95 18.63 16.20
N ARG C 108 11.50 19.85 16.50
CA ARG C 108 11.99 20.65 17.66
C ARG C 108 11.73 19.93 19.00
N VAL C 109 10.47 19.61 19.31
CA VAL C 109 10.08 19.03 20.64
C VAL C 109 10.60 17.58 20.76
N LYS C 110 10.72 16.82 19.67
CA LYS C 110 11.24 15.42 19.73
C LYS C 110 12.76 15.45 19.67
N ASP C 111 13.37 16.59 19.33
CA ASP C 111 14.83 16.76 19.16
C ASP C 111 15.40 15.57 18.39
N SER C 112 15.00 15.42 17.12
CA SER C 112 15.20 14.20 16.29
C SER C 112 14.65 14.42 14.87
N GLU C 113 15.41 13.99 13.86
CA GLU C 113 15.14 14.22 12.42
C GLU C 113 14.22 13.11 11.88
N ASP C 114 14.11 11.97 12.55
CA ASP C 114 13.31 10.81 12.02
C ASP C 114 12.28 10.37 13.07
N VAL C 115 11.49 11.32 13.57
CA VAL C 115 10.20 11.09 14.27
C VAL C 115 9.31 10.33 13.31
N PRO C 116 8.73 9.17 13.70
CA PRO C 116 7.67 8.53 12.93
C PRO C 116 6.58 9.56 12.57
N MET C 117 6.19 9.59 11.28
CA MET C 117 5.39 10.68 10.69
C MET C 117 4.80 10.21 9.36
N VAL C 118 3.52 10.50 9.15
CA VAL C 118 2.83 10.20 7.87
C VAL C 118 2.23 11.51 7.37
N LEU C 119 2.51 11.87 6.12
CA LEU C 119 1.80 12.96 5.38
C LEU C 119 0.44 12.47 4.90
N VAL C 120 -0.63 13.16 5.31
CA VAL C 120 -2.01 12.80 4.87
C VAL C 120 -2.60 13.93 4.05
N GLY C 121 -3.02 13.60 2.83
CA GLY C 121 -3.87 14.42 1.95
C GLY C 121 -5.30 13.96 2.07
N ASN C 122 -6.12 14.70 2.81
CA ASN C 122 -7.51 14.31 3.13
C ASN C 122 -8.48 14.99 2.16
N LYS C 123 -9.72 14.48 2.09
CA LYS C 123 -10.85 15.00 1.26
C LYS C 123 -10.64 14.66 -0.22
N CYS C 124 -10.07 13.51 -0.54
CA CYS C 124 -9.79 13.08 -1.95
C CYS C 124 -11.09 12.62 -2.66
N ASP C 125 -12.23 12.62 -1.98
CA ASP C 125 -13.59 12.47 -2.54
C ASP C 125 -13.99 13.73 -3.34
N LEU C 126 -13.50 14.92 -2.97
CA LEU C 126 -13.76 16.19 -3.69
C LEU C 126 -13.13 16.19 -5.06
N PRO C 127 -13.74 16.91 -6.03
CA PRO C 127 -13.07 17.19 -7.31
C PRO C 127 -12.27 18.50 -7.33
N SER C 128 -12.44 19.32 -6.28
CA SER C 128 -11.76 20.63 -6.15
C SER C 128 -10.36 20.42 -5.57
N ARG C 129 -9.49 19.80 -6.37
CA ARG C 129 -8.09 19.53 -5.90
C ARG C 129 -7.13 20.55 -6.51
N THR C 130 -6.48 21.30 -5.61
CA THR C 130 -5.43 22.32 -5.93
C THR C 130 -4.04 21.80 -5.54
N VAL C 131 -3.95 20.77 -4.69
CA VAL C 131 -2.63 20.17 -4.32
C VAL C 131 -2.57 18.80 -4.94
N ASP C 132 -1.76 18.66 -6.00
CA ASP C 132 -1.64 17.43 -6.84
C ASP C 132 -0.96 16.30 -6.07
N THR C 133 -1.21 15.07 -6.49
CA THR C 133 -0.67 13.88 -5.82
C THR C 133 0.84 14.02 -5.89
N LYS C 134 1.38 14.30 -7.08
CA LYS C 134 2.85 14.31 -7.27
C LYS C 134 3.50 15.30 -6.31
N GLN C 135 2.93 16.50 -6.19
CA GLN C 135 3.44 17.61 -5.32
C GLN C 135 3.57 17.06 -3.88
N ALA C 136 2.49 16.49 -3.34
CA ALA C 136 2.47 15.95 -1.96
C ALA C 136 3.45 14.78 -1.85
N GLN C 137 3.43 13.89 -2.84
CA GLN C 137 4.24 12.64 -2.87
C GLN C 137 5.74 12.98 -3.01
N ASP C 138 6.08 14.09 -3.66
CA ASP C 138 7.48 14.60 -3.77
C ASP C 138 7.98 15.10 -2.40
N LEU C 139 7.20 15.93 -1.72
CA LEU C 139 7.59 16.53 -0.42
C LEU C 139 7.81 15.39 0.60
N ALA C 140 6.91 14.41 0.62
CA ALA C 140 7.01 13.24 1.52
C ALA C 140 8.34 12.53 1.25
N ARG C 141 8.66 12.29 -0.03
CA ARG C 141 9.91 11.59 -0.43
C ARG C 141 11.12 12.42 0.02
N SER C 142 11.05 13.75 -0.11
CA SER C 142 12.14 14.63 0.38
C SER C 142 12.27 14.44 1.89
N TYR C 143 11.13 14.35 2.59
CA TYR C 143 11.12 14.13 4.06
C TYR C 143 11.46 12.68 4.39
N GLY C 144 11.24 11.73 3.48
CA GLY C 144 11.43 10.28 3.73
C GLY C 144 10.32 9.67 4.58
N ILE C 145 9.11 10.20 4.47
CA ILE C 145 7.94 9.63 5.20
C ILE C 145 6.94 9.16 4.17
N PRO C 146 6.00 8.28 4.57
CA PRO C 146 4.89 7.89 3.70
C PRO C 146 3.88 9.02 3.44
N PHE C 147 3.17 8.94 2.31
CA PHE C 147 2.06 9.85 1.93
C PHE C 147 0.82 9.01 1.70
N ILE C 148 -0.23 9.25 2.48
CA ILE C 148 -1.52 8.52 2.38
C ILE C 148 -2.63 9.53 2.02
N GLU C 149 -3.35 9.30 0.92
CA GLU C 149 -4.48 10.16 0.49
C GLU C 149 -5.69 9.51 1.13
N THR C 150 -6.64 10.29 1.61
CA THR C 150 -7.74 9.76 2.43
C THR C 150 -8.99 10.52 2.02
N SER C 151 -10.12 9.92 2.33
CA SER C 151 -11.38 10.67 2.50
C SER C 151 -12.01 10.24 3.81
N ALA C 152 -11.91 11.06 4.84
CA ALA C 152 -12.71 10.89 6.08
C ALA C 152 -14.16 10.63 5.71
N LYS C 153 -14.67 11.26 4.64
CA LYS C 153 -16.07 11.18 4.23
C LYS C 153 -16.42 9.73 3.88
N THR C 154 -15.69 9.11 2.94
CA THR C 154 -15.94 7.75 2.37
C THR C 154 -15.22 6.63 3.15
N ARG C 155 -14.27 7.01 4.01
CA ARG C 155 -13.40 6.10 4.83
C ARG C 155 -12.22 5.60 3.97
N GLN C 156 -12.15 6.01 2.70
CA GLN C 156 -11.00 5.72 1.79
C GLN C 156 -9.68 6.12 2.49
N GLY C 157 -8.80 5.17 2.74
CA GLY C 157 -7.43 5.43 3.21
C GLY C 157 -7.28 5.70 4.71
N VAL C 158 -8.31 5.57 5.52
CA VAL C 158 -8.27 6.07 6.93
C VAL C 158 -7.51 5.05 7.77
N ASP C 159 -7.85 3.77 7.67
CA ASP C 159 -7.06 2.73 8.35
C ASP C 159 -5.65 2.79 7.80
N ASP C 160 -5.51 2.90 6.48
CA ASP C 160 -4.17 2.95 5.83
C ASP C 160 -3.34 4.05 6.48
N ALA C 161 -3.88 5.25 6.63
CA ALA C 161 -3.13 6.40 7.19
C ALA C 161 -2.65 6.06 8.61
N PHE C 162 -3.56 5.66 9.48
CA PHE C 162 -3.22 5.38 10.89
C PHE C 162 -2.32 4.14 10.99
N TYR C 163 -2.64 3.07 10.25
CA TYR C 163 -1.89 1.79 10.32
C TYR C 163 -0.47 2.01 9.80
N THR C 164 -0.32 2.80 8.73
CA THR C 164 1.02 3.13 8.17
C THR C 164 1.87 3.76 9.27
N LEU C 165 1.25 4.59 10.13
CA LEU C 165 1.99 5.34 11.18
C LEU C 165 2.48 4.37 12.25
N VAL C 166 1.61 3.47 12.70
CA VAL C 166 2.02 2.41 13.65
C VAL C 166 3.15 1.58 12.99
N ARG C 167 3.04 1.23 11.70
CA ARG C 167 4.10 0.43 11.02
C ARG C 167 5.41 1.25 11.01
N GLU C 168 5.35 2.56 10.74
CA GLU C 168 6.58 3.39 10.81
C GLU C 168 7.16 3.28 12.23
N ILE C 169 6.33 3.23 13.26
CA ILE C 169 6.86 3.15 14.65
C ILE C 169 7.46 1.75 14.88
N ARG C 170 6.73 0.66 14.57
CA ARG C 170 7.22 -0.74 14.68
C ARG C 170 8.52 -0.98 13.89
N LYS C 171 8.56 -0.54 12.63
CA LYS C 171 9.74 -0.68 11.72
C LYS C 171 10.99 0.02 12.32
N HIS C 172 10.84 1.26 12.81
CA HIS C 172 11.97 2.22 12.88
C HIS C 172 12.38 2.52 14.33
N LYS C 173 11.50 2.29 15.32
CA LYS C 173 11.63 2.81 16.71
C LYS C 173 11.37 1.72 17.76
N GLU C 174 10.26 0.99 17.68
CA GLU C 174 9.81 0.02 18.73
C GLU C 174 10.92 -0.98 19.08
N LYS C 175 11.12 -1.29 20.38
CA LYS C 175 12.10 -2.32 20.88
C LYS C 175 11.74 -2.82 22.28
MG MG D . 15.38 -20.15 -2.39
C4 A1EN3 E . 26.13 -19.26 2.73
C5 A1EN3 E . 26.70 -18.16 2.06
C6 A1EN3 E . 27.34 -17.22 2.84
N1 A1EN3 E . 27.38 -17.40 4.20
N3 A1EN3 E . 26.15 -19.41 4.04
FBR A1EN3 E . 26.63 -17.54 11.44
CBQ A1EN3 E . 27.73 -17.86 10.78
FBS A1EN3 E . 28.82 -17.38 11.39
CBM A1EN3 E . 27.65 -18.44 9.65
CBN A1EN3 E . 26.45 -18.94 9.01
CBL A1EN3 E . 28.88 -18.97 8.53
NBJ A1EN3 E . 28.24 -20.32 8.26
CBI A1EN3 E . 28.34 -21.85 8.76
CBH A1EN3 E . 27.04 -22.46 8.31
CBG A1EN3 E . 26.17 -21.49 8.60
CBK A1EN3 E . 26.95 -20.13 8.12
CBO A1EN3 E . 26.43 -19.90 6.61
OBP A1EN3 E . 26.83 -18.64 6.18
C2 A1EN3 E . 26.82 -18.46 4.79
CAX A1EN3 E . 27.97 -16.13 2.19
FAY A1EN3 E . 28.59 -15.21 2.98
NAT A1EN3 E . 25.30 -20.28 2.05
CBD A1EN3 E . 24.38 -19.93 0.87
CBC A1EN3 E . 23.06 -19.60 1.56
CBE A1EN3 E . 22.00 -19.06 0.50
OBF A1EN3 E . 23.38 -18.51 2.48
CBB A1EN3 E . 22.51 -20.82 2.26
CBA A1EN3 E . 23.45 -21.48 3.23
CAZ A1EN3 E . 24.88 -21.62 2.69
CAU A1EN3 E . 26.71 -17.98 0.64
NAV A1EN3 E . 27.28 -16.93 0.05
CAW A1EN3 E . 27.87 -15.98 0.77
CAA A1EN3 E . 28.69 -14.75 0.29
CAB A1EN3 E . 28.36 -13.41 0.61
CAF A1EN3 E . 29.92 -15.06 -0.31
CAE A1EN3 E . 30.79 -14.06 -0.65
OBT A1EN3 E . 32.00 -14.39 -1.27
CAD A1EN3 E . 30.47 -12.73 -0.40
CAC A1EN3 E . 29.25 -12.41 0.23
CAJ A1EN3 E . 28.91 -11.07 0.45
CAI A1EN3 E . 27.69 -10.76 1.07
CAH A1EN3 E . 26.82 -11.74 1.41
FAK A1EN3 E . 25.57 -11.52 2.00
CAG A1EN3 E . 27.16 -13.07 1.18
CAL A1EN3 E . 26.05 -14.00 1.61
CAM A1EN3 E . 25.15 -14.64 1.96
PG GNP F . 16.81 -21.39 -0.59
O1G GNP F . 16.88 -22.75 -1.21
O2G GNP F . 16.34 -20.53 -1.75
O3G GNP F . 18.22 -20.94 -0.08
N3B GNP F . 15.68 -21.46 0.61
PB GNP F . 14.65 -20.25 0.89
O1B GNP F . 15.19 -19.25 1.87
O2B GNP F . 14.27 -19.71 -0.47
O3A GNP F . 13.27 -20.85 1.43
PA GNP F . 11.97 -21.06 0.53
O1A GNP F . 11.47 -19.81 -0.06
O2A GNP F . 12.30 -22.18 -0.41
O5' GNP F . 10.90 -21.55 1.61
C5' GNP F . 11.34 -22.57 2.53
C4' GNP F . 10.15 -23.35 3.03
O4' GNP F . 9.36 -22.51 3.92
C3' GNP F . 9.19 -23.78 1.92
O3' GNP F . 8.52 -24.98 2.28
C2' GNP F . 8.22 -22.62 1.85
O2' GNP F . 6.95 -23.07 1.44
C1' GNP F . 8.11 -22.23 3.31
N9 GNP F . 7.78 -20.82 3.55
C8 GNP F . 8.43 -19.72 3.06
N7 GNP F . 7.92 -18.60 3.51
C5 GNP F . 6.92 -18.99 4.37
C6 GNP F . 6.06 -18.21 5.18
O6 GNP F . 6.07 -16.98 5.35
N1 GNP F . 5.23 -19.01 5.96
C2 GNP F . 5.18 -20.38 5.90
N2 GNP F . 4.27 -20.98 6.67
N3 GNP F . 5.96 -21.11 5.13
C4 GNP F . 6.83 -20.36 4.42
MG MG G . -18.06 -6.56 -2.53
C4 A1EN3 H . -27.69 -2.75 -7.73
C5 A1EN3 H . -27.41 -1.41 -8.16
C6 A1EN3 H . -27.84 -1.10 -9.42
N1 A1EN3 H . -28.48 -2.03 -10.22
N3 A1EN3 H . -28.28 -3.65 -8.51
FBR A1EN3 H . -30.88 -7.19 -14.94
CBQ A1EN3 H . -31.57 -6.25 -14.31
FBS A1EN3 H . -32.43 -5.70 -15.18
CBM A1EN3 H . -31.41 -5.96 -13.06
CBN A1EN3 H . -30.49 -6.58 -12.09
CBL A1EN3 H . -32.22 -4.79 -12.04
NBJ A1EN3 H . -32.20 -5.60 -10.73
CBI A1EN3 H . -33.21 -6.46 -9.78
CBH A1EN3 H . -32.48 -7.75 -9.47
CBG A1EN3 H . -31.18 -7.57 -9.73
CBK A1EN3 H . -31.02 -6.19 -10.66
CBO A1EN3 H . -29.87 -5.35 -9.91
OBP A1EN3 H . -29.36 -4.24 -10.64
C2 A1EN3 H . -28.70 -3.28 -9.81
CAX A1EN3 H . -27.60 0.22 -9.86
FAY A1EN3 H . -28.03 0.45 -11.13
NAT A1EN3 H . -27.20 -3.33 -6.43
CBD A1EN3 H . -25.79 -3.02 -5.84
CBC A1EN3 H . -24.84 -4.12 -6.33
CBE A1EN3 H . -23.41 -3.83 -5.72
OBF A1EN3 H . -24.72 -4.01 -7.75
CBB A1EN3 H . -25.29 -5.52 -5.96
CBA A1EN3 H . -26.75 -5.76 -5.96
CAZ A1EN3 H . -27.72 -4.57 -5.67
CAU A1EN3 H . -26.78 -0.36 -7.39
NAV A1EN3 H . -26.56 0.88 -7.83
CAW A1EN3 H . -26.94 1.21 -9.07
CAA A1EN3 H . -26.87 2.59 -9.82
CAB A1EN3 H . -26.05 2.83 -10.97
CAF A1EN3 H . -27.82 3.55 -9.44
CAE A1EN3 H . -27.91 4.77 -10.11
OBT A1EN3 H . -28.82 5.76 -9.70
CAD A1EN3 H . -27.09 5.02 -11.20
CAC A1EN3 H . -26.17 4.05 -11.63
CAJ A1EN3 H . -25.36 4.34 -12.74
CAI A1EN3 H . -24.42 3.42 -13.19
CAH A1EN3 H . -24.28 2.23 -12.54
FAK A1EN3 H . -23.35 1.25 -12.97
CAG A1EN3 H . -25.10 1.91 -11.42
CAL A1EN3 H . -24.86 0.55 -10.79
CAM A1EN3 H . -24.67 -0.51 -10.30
PG GNP I . -20.99 -8.31 -3.11
O1G GNP I . -21.80 -7.70 -4.24
O2G GNP I . -21.96 -9.08 -2.21
O3G GNP I . -20.32 -7.13 -2.37
N3B GNP I . -19.93 -9.42 -3.65
PB GNP I . -18.67 -9.11 -4.62
O1B GNP I . -17.88 -7.97 -4.03
O2B GNP I . -19.19 -8.94 -6.02
O3A GNP I . -17.71 -10.40 -4.62
PA GNP I . -16.74 -10.96 -3.44
O1A GNP I . -15.35 -10.50 -3.67
O2A GNP I . -17.55 -10.63 -2.24
O5' GNP I . -16.69 -12.53 -3.61
C5' GNP I . -17.90 -13.30 -3.43
C4' GNP I . -17.49 -14.74 -3.24
O4' GNP I . -16.81 -15.23 -4.43
C3' GNP I . -16.51 -15.00 -2.08
O3' GNP I . -16.84 -16.24 -1.49
C2' GNP I . -15.16 -14.98 -2.79
O2' GNP I . -14.10 -15.64 -2.14
C1' GNP I . -15.52 -15.70 -4.08
N9 GNP I . -14.64 -15.38 -5.20
C8 GNP I . -14.38 -14.13 -5.70
N7 GNP I . -13.59 -14.16 -6.73
C5 GNP I . -13.32 -15.50 -6.94
C6 GNP I . -12.53 -16.11 -7.92
O6 GNP I . -11.92 -15.56 -8.84
N1 GNP I . -12.58 -17.51 -7.79
C2 GNP I . -13.24 -18.21 -6.80
N2 GNP I . -13.14 -19.55 -6.84
N3 GNP I . -13.97 -17.62 -5.87
C4 GNP I . -13.97 -16.27 -6.00
MG MG J . -11.06 19.01 14.79
C4 A1EN3 K . -1.24 25.93 15.40
C5 A1EN3 K . -0.44 25.23 16.28
C6 A1EN3 K . 0.87 25.13 15.91
N1 A1EN3 K . 1.34 25.66 14.76
N3 A1EN3 K . -0.83 26.43 14.28
FBR A1EN3 K . 3.49 27.45 7.83
CBQ A1EN3 K . 3.66 28.14 8.98
FBS A1EN3 K . 4.86 28.74 9.11
CBM A1EN3 K . 2.81 28.21 9.93
CBN A1EN3 K . 1.42 27.67 10.05
CBL A1EN3 K . 2.91 29.06 11.44
NBJ A1EN3 K . 1.52 29.61 11.44
CBI A1EN3 K . 0.84 30.96 10.90
CBH A1EN3 K . -0.16 30.53 9.86
CBG A1EN3 K . -0.58 29.35 10.30
CBK A1EN3 K . 0.73 28.66 11.04
CBO A1EN3 K . 0.03 27.80 12.17
OBP A1EN3 K . 0.95 26.92 12.77
C2 A1EN3 K . 0.50 26.31 13.96
CAX A1EN3 K . 1.68 24.45 16.81
FAY A1EN3 K . 2.97 24.33 16.40
NAT A1EN3 K . -2.71 25.98 15.63
CBD A1EN3 K . -3.55 24.87 16.29
CBC A1EN3 K . -4.10 24.07 15.09
CBE A1EN3 K . -5.08 22.97 15.66
OBF A1EN3 K . -3.02 23.44 14.37
CBB A1EN3 K . -4.79 24.87 14.02
CBA A1EN3 K . -4.07 26.12 13.59
CAZ A1EN3 K . -3.58 26.95 14.79
CAU A1EN3 K . -0.89 24.64 17.51
NAV A1EN3 K . -0.06 24.01 18.33
CAW A1EN3 K . 1.21 23.87 18.02
CAA A1EN3 K . 2.43 23.22 18.72
CAB A1EN3 K . 3.14 22.06 18.20
CAF A1EN3 K . 2.93 23.98 19.74
CAE A1EN3 K . 4.07 23.56 20.38
OBT A1EN3 K . 4.59 24.30 21.47
CAD A1EN3 K . 4.76 22.45 19.93
CAC A1EN3 K . 4.31 21.69 18.83
CAJ A1EN3 K . 5.06 20.54 18.44
CAI A1EN3 K . 4.61 19.76 17.40
CAH A1EN3 K . 3.46 20.10 16.77
FAK A1EN3 K . 3.02 19.34 15.71
CAG A1EN3 K . 2.71 21.23 17.16
CAL A1EN3 K . 1.45 21.50 16.37
CAM A1EN3 K . 0.45 21.76 15.80
PG GNP L . -10.27 21.75 13.61
O1G GNP L . -8.75 22.05 13.74
O2G GNP L . -10.82 20.87 14.72
O3G GNP L . -10.98 23.08 13.77
N3B GNP L . -10.75 21.16 12.15
PB GNP L . -10.43 19.66 11.62
O1B GNP L . -10.77 18.70 12.73
O2B GNP L . -9.06 19.55 10.98
O3A GNP L . -11.54 19.42 10.47
PA GNP L . -12.93 18.68 10.70
O1A GNP L . -12.60 17.23 10.86
O2A GNP L . -13.65 19.38 11.81
O5' GNP L . -13.68 18.87 9.33
C5' GNP L . -13.68 20.16 8.70
C4' GNP L . -14.77 20.15 7.65
O4' GNP L . -14.36 19.32 6.52
C3' GNP L . -16.14 19.57 8.07
O3' GNP L . -17.16 20.17 7.29
C2' GNP L . -16.01 18.11 7.66
O2' GNP L . -17.23 17.45 7.42
C1' GNP L . -15.27 18.26 6.33
N9 GNP L . -14.51 17.10 5.98
C8 GNP L . -13.66 16.44 6.83
N7 GNP L . -13.09 15.40 6.27
C5 GNP L . -13.58 15.41 4.97
C6 GNP L . -13.31 14.53 3.90
O6 GNP L . -12.55 13.56 3.89
N1 GNP L . -14.03 14.88 2.76
C2 GNP L . -14.91 15.93 2.67
N2 GNP L . -15.51 16.12 1.47
N3 GNP L . -15.18 16.76 3.69
C4 GNP L . -14.47 16.44 4.78
#